data_3X1O
#
_entry.id   3X1O
#
_cell.length_a   55.003
_cell.length_b   78.322
_cell.length_c   184.075
_cell.angle_alpha   90.00
_cell.angle_beta   90.00
_cell.angle_gamma   90.00
#
_symmetry.space_group_name_H-M   'C 2 2 21'
#
loop_
_entity.id
_entity.type
_entity.pdbx_description
1 polymer Roquin-1
2 non-polymer 'IODIDE ION'
3 water water
#
_entity_poly.entity_id   1
_entity_poly.type   'polypeptide(L)'
_entity_poly.pdbx_seq_one_letter_code
;MLVEEEGRIRAMRAARSLGERTVTELILQHQNPQQLSSNLWAAVRARGCQFLGPAMQEEALKLVLLALEDGSALSRKVLV
LFVVQRLEPRFPQASKTSIGHVVQLLYRASCFKVTKRDEDSSLMQLKEEFRTYEALRREHDSQIVQIAMEAGLRIAPDQW
SSLLYGDQSHKSHMQSIIDKLQTPASFAQSVQELTIALQRTKHHHHHH
;
_entity_poly.pdbx_strand_id   A,B
#
loop_
_chem_comp.id
_chem_comp.type
_chem_comp.name
_chem_comp.formula
IOD non-polymer 'IODIDE ION' 'I -1'
#
# COMPACT_ATOMS: atom_id res chain seq x y z
N GLN A 34 26.90 -23.40 8.42
CA GLN A 34 27.79 -23.27 7.26
C GLN A 34 28.58 -21.96 7.29
N GLN A 35 29.84 -22.06 6.91
CA GLN A 35 30.67 -20.90 6.67
C GLN A 35 30.22 -20.27 5.36
N LEU A 36 29.87 -21.13 4.41
CA LEU A 36 29.40 -20.71 3.10
C LEU A 36 28.19 -19.78 3.21
N SER A 37 27.16 -20.23 3.90
CA SER A 37 25.96 -19.45 4.11
C SER A 37 26.29 -18.11 4.76
N SER A 38 27.09 -18.17 5.81
CA SER A 38 27.51 -16.98 6.55
C SER A 38 28.24 -15.96 5.66
N ASN A 39 29.18 -16.43 4.86
CA ASN A 39 29.86 -15.54 3.92
C ASN A 39 28.92 -14.98 2.84
N LEU A 40 27.94 -15.77 2.40
CA LEU A 40 26.99 -15.32 1.38
C LEU A 40 26.14 -14.17 1.90
N TRP A 41 25.54 -14.37 3.08
CA TRP A 41 24.70 -13.33 3.68
C TRP A 41 25.49 -12.09 4.08
N ALA A 42 26.74 -12.27 4.51
CA ALA A 42 27.62 -11.13 4.75
C ALA A 42 27.87 -10.37 3.45
N ALA A 43 28.05 -11.11 2.36
CA ALA A 43 28.21 -10.49 1.05
C ALA A 43 26.95 -9.72 0.64
N VAL A 44 25.78 -10.33 0.89
CA VAL A 44 24.51 -9.67 0.58
C VAL A 44 24.29 -8.42 1.42
N ARG A 45 24.63 -8.48 2.70
CA ARG A 45 24.48 -7.30 3.56
C ARG A 45 25.46 -6.19 3.17
N ALA A 46 26.63 -6.58 2.66
CA ALA A 46 27.67 -5.62 2.28
C ALA A 46 27.22 -4.73 1.14
N ARG A 47 26.19 -5.18 0.42
CA ARG A 47 25.66 -4.42 -0.70
C ARG A 47 24.30 -3.79 -0.37
N GLY A 48 24.02 -3.66 0.93
CA GLY A 48 22.82 -2.96 1.38
C GLY A 48 21.55 -3.80 1.32
N CYS A 49 21.71 -5.11 1.15
CA CYS A 49 20.59 -5.99 0.91
C CYS A 49 20.41 -6.97 2.05
N GLN A 50 19.24 -7.61 2.12
CA GLN A 50 19.01 -8.69 3.06
C GLN A 50 18.17 -9.81 2.44
N PHE A 51 18.50 -11.04 2.82
CA PHE A 51 17.65 -12.19 2.60
C PHE A 51 17.19 -12.65 3.98
N LEU A 52 15.88 -12.66 4.20
CA LEU A 52 15.30 -12.87 5.53
C LEU A 52 15.11 -14.34 5.89
N GLY A 53 15.41 -15.24 4.96
CA GLY A 53 15.14 -16.65 5.17
C GLY A 53 14.14 -17.07 4.13
N PRO A 54 14.16 -18.36 3.74
CA PRO A 54 13.29 -18.84 2.65
C PRO A 54 11.81 -18.54 2.87
N ALA A 55 11.27 -18.86 4.04
CA ALA A 55 9.84 -18.67 4.29
C ALA A 55 9.45 -17.19 4.34
N MET A 56 10.24 -16.41 5.06
CA MET A 56 9.93 -15.01 5.25
C MET A 56 10.15 -14.19 3.98
N GLN A 57 11.24 -14.48 3.26
CA GLN A 57 11.53 -13.74 2.01
C GLN A 57 10.44 -13.98 0.98
N GLU A 58 9.97 -15.22 0.91
CA GLU A 58 8.90 -15.58 -0.01
C GLU A 58 7.66 -14.73 0.25
N GLU A 59 7.25 -14.64 1.51
CA GLU A 59 6.07 -13.87 1.86
C GLU A 59 6.30 -12.37 1.62
N ALA A 60 7.48 -11.88 1.97
CA ALA A 60 7.85 -10.50 1.65
C ALA A 60 7.68 -10.20 0.16
N LEU A 61 8.20 -11.07 -0.69
CA LEU A 61 8.15 -10.85 -2.14
C LEU A 61 6.71 -10.89 -2.63
N LYS A 62 5.93 -11.82 -2.10
CA LYS A 62 4.51 -11.91 -2.47
C LYS A 62 3.75 -10.66 -2.05
N LEU A 63 4.18 -10.01 -0.99
CA LEU A 63 3.54 -8.78 -0.54
C LEU A 63 3.97 -7.60 -1.41
N VAL A 64 5.23 -7.61 -1.84
CA VAL A 64 5.68 -6.62 -2.83
C VAL A 64 4.80 -6.69 -4.07
N LEU A 65 4.56 -7.92 -4.51
CA LEU A 65 3.70 -8.16 -5.67
C LEU A 65 2.29 -7.66 -5.43
N LEU A 66 1.72 -8.00 -4.27
CA LEU A 66 0.37 -7.55 -3.93
C LEU A 66 0.21 -6.05 -4.14
N ALA A 67 1.24 -5.30 -3.75
CA ALA A 67 1.20 -3.85 -3.83
C ALA A 67 1.44 -3.37 -5.27
N LEU A 68 2.25 -4.09 -6.03
CA LEU A 68 2.78 -3.53 -7.27
C LEU A 68 2.36 -4.27 -8.55
N GLU A 69 1.72 -5.43 -8.38
CA GLU A 69 1.13 -6.21 -9.48
C GLU A 69 0.45 -5.36 -10.53
N ASP A 70 -0.46 -4.50 -10.08
CA ASP A 70 -1.32 -3.77 -10.98
C ASP A 70 -0.67 -2.48 -11.49
N GLY A 71 0.62 -2.33 -11.21
CA GLY A 71 1.36 -1.18 -11.71
C GLY A 71 1.21 0.08 -10.87
N SER A 72 0.70 -0.09 -9.65
CA SER A 72 0.68 1.01 -8.68
C SER A 72 2.08 1.58 -8.53
N ALA A 73 2.16 2.87 -8.22
CA ALA A 73 3.45 3.53 -8.08
C ALA A 73 3.63 4.05 -6.65
N LEU A 74 4.40 3.31 -5.87
CA LEU A 74 4.59 3.62 -4.46
C LEU A 74 5.97 4.20 -4.23
N SER A 75 6.06 5.18 -3.35
CA SER A 75 7.36 5.57 -2.83
C SER A 75 7.97 4.40 -2.07
N ARG A 76 9.26 4.47 -1.81
CA ARG A 76 9.92 3.41 -1.06
C ARG A 76 9.35 3.32 0.35
N LYS A 77 9.08 4.48 0.96
CA LYS A 77 8.49 4.54 2.30
C LYS A 77 7.15 3.79 2.37
N VAL A 78 6.27 4.10 1.42
CA VAL A 78 4.94 3.49 1.39
C VAL A 78 4.97 2.00 1.02
N LEU A 79 5.85 1.63 0.09
CA LEU A 79 6.05 0.23 -0.25
C LEU A 79 6.51 -0.58 0.97
N VAL A 80 7.53 -0.10 1.64
CA VAL A 80 8.01 -0.72 2.88
C VAL A 80 6.89 -0.84 3.91
N LEU A 81 6.15 0.26 4.09
CA LEU A 81 5.06 0.29 5.04
C LEU A 81 4.00 -0.77 4.72
N PHE A 82 3.63 -0.85 3.46
CA PHE A 82 2.64 -1.82 2.98
C PHE A 82 3.08 -3.21 3.36
N VAL A 83 4.33 -3.53 3.04
CA VAL A 83 4.83 -4.88 3.22
C VAL A 83 5.03 -5.24 4.70
N VAL A 84 5.63 -4.33 5.47
CA VAL A 84 5.87 -4.58 6.89
C VAL A 84 4.55 -4.81 7.61
N GLN A 85 3.54 -4.01 7.23
CA GLN A 85 2.20 -4.08 7.80
C GLN A 85 1.57 -5.48 7.70
N ARG A 86 1.79 -6.14 6.57
CA ARG A 86 1.15 -7.43 6.31
C ARG A 86 2.05 -8.60 6.65
N LEU A 87 3.36 -8.34 6.70
CA LEU A 87 4.35 -9.39 6.97
C LEU A 87 4.49 -9.62 8.47
N GLU A 88 4.64 -8.53 9.22
CA GLU A 88 4.82 -8.58 10.68
C GLU A 88 3.81 -9.43 11.46
N PRO A 89 2.51 -9.43 11.08
CA PRO A 89 1.61 -10.31 11.81
C PRO A 89 2.06 -11.78 11.84
N ARG A 90 2.55 -12.28 10.71
CA ARG A 90 2.93 -13.69 10.61
C ARG A 90 4.40 -13.94 10.91
N PHE A 91 5.23 -12.92 10.67
CA PHE A 91 6.66 -12.95 11.01
C PHE A 91 6.98 -11.70 11.81
N PRO A 92 6.74 -11.72 13.12
CA PRO A 92 6.83 -10.53 13.99
C PRO A 92 8.18 -9.82 14.00
N GLN A 93 9.26 -10.47 13.60
CA GLN A 93 10.57 -9.82 13.55
C GLN A 93 10.76 -8.90 12.33
N ALA A 94 9.76 -8.83 11.46
CA ALA A 94 9.83 -7.95 10.30
C ALA A 94 9.96 -6.50 10.75
N SER A 95 10.80 -5.73 10.06
CA SER A 95 10.94 -4.31 10.39
C SER A 95 11.04 -3.44 9.16
N LYS A 96 10.85 -2.14 9.34
CA LYS A 96 11.03 -1.21 8.22
C LYS A 96 12.45 -1.29 7.69
N THR A 97 13.39 -1.54 8.59
CA THR A 97 14.80 -1.60 8.22
C THR A 97 15.11 -2.85 7.39
N SER A 98 14.61 -4.01 7.83
CA SER A 98 14.92 -5.25 7.14
C SER A 98 14.20 -5.34 5.78
N ILE A 99 12.96 -4.87 5.72
CA ILE A 99 12.20 -4.90 4.46
C ILE A 99 12.76 -3.85 3.48
N GLY A 100 13.26 -2.73 4.01
CA GLY A 100 14.00 -1.78 3.20
C GLY A 100 15.19 -2.47 2.51
N HIS A 101 15.87 -3.33 3.25
CA HIS A 101 17.00 -4.07 2.71
C HIS A 101 16.56 -5.13 1.68
N VAL A 102 15.38 -5.70 1.88
CA VAL A 102 14.79 -6.59 0.88
C VAL A 102 14.45 -5.84 -0.42
N VAL A 103 13.74 -4.71 -0.29
CA VAL A 103 13.44 -3.87 -1.46
C VAL A 103 14.71 -3.45 -2.19
N GLN A 104 15.76 -3.11 -1.44
CA GLN A 104 17.03 -2.72 -2.05
C GLN A 104 17.59 -3.85 -2.92
N LEU A 105 17.45 -5.08 -2.46
CA LEU A 105 17.85 -6.26 -3.21
C LEU A 105 17.12 -6.30 -4.55
N LEU A 106 15.81 -6.05 -4.51
CA LEU A 106 15.01 -6.01 -5.73
C LEU A 106 15.43 -4.83 -6.62
N TYR A 107 15.77 -3.70 -5.99
CA TYR A 107 16.25 -2.54 -6.73
C TYR A 107 17.54 -2.89 -7.44
N ARG A 108 18.42 -3.63 -6.75
CA ARG A 108 19.73 -3.97 -7.28
C ARG A 108 19.58 -4.97 -8.42
N ALA A 109 18.49 -5.73 -8.38
CA ALA A 109 18.20 -6.71 -9.41
C ALA A 109 17.52 -6.07 -10.62
N SER A 110 17.37 -4.75 -10.58
CA SER A 110 16.74 -3.97 -11.66
C SER A 110 15.27 -4.36 -11.88
N CYS A 111 14.55 -4.66 -10.81
CA CYS A 111 13.15 -5.08 -10.94
C CYS A 111 12.18 -3.93 -11.08
N PHE A 112 12.64 -2.73 -10.72
CA PHE A 112 11.75 -1.59 -10.65
C PHE A 112 11.92 -0.63 -11.81
N LYS A 113 10.81 -0.03 -12.22
CA LYS A 113 10.85 1.19 -13.01
C LYS A 113 10.68 2.35 -12.04
N VAL A 114 11.71 3.19 -11.94
CA VAL A 114 11.70 4.28 -10.97
C VAL A 114 11.42 5.62 -11.64
N THR A 115 10.34 6.27 -11.23
CA THR A 115 10.04 7.61 -11.71
C THR A 115 10.52 8.62 -10.69
N LYS A 116 11.60 9.32 -11.03
CA LYS A 116 12.23 10.27 -10.12
C LYS A 116 11.41 11.55 -10.01
N ARG A 117 11.47 12.18 -8.84
CA ARG A 117 10.85 13.47 -8.61
C ARG A 117 11.72 14.28 -7.66
N ASP A 118 12.13 15.47 -8.12
CA ASP A 118 12.93 16.44 -7.35
C ASP A 118 13.78 15.86 -6.23
N SER A 121 11.14 12.79 -3.88
CA SER A 121 10.76 11.43 -3.47
C SER A 121 10.35 10.58 -4.67
N SER A 122 11.18 9.61 -5.03
CA SER A 122 10.89 8.79 -6.20
C SER A 122 9.77 7.78 -5.98
N LEU A 123 9.07 7.45 -7.06
CA LEU A 123 8.01 6.45 -7.04
C LEU A 123 8.52 5.19 -7.71
N MET A 124 8.08 4.04 -7.23
CA MET A 124 8.58 2.76 -7.73
C MET A 124 7.45 1.93 -8.32
N GLN A 125 7.70 1.39 -9.51
CA GLN A 125 6.81 0.41 -10.11
C GLN A 125 7.57 -0.85 -10.43
N LEU A 126 6.91 -1.99 -10.26
CA LEU A 126 7.44 -3.25 -10.72
C LEU A 126 7.49 -3.17 -12.24
N LYS A 127 8.61 -3.57 -12.86
CA LYS A 127 8.63 -3.65 -14.31
C LYS A 127 7.60 -4.68 -14.73
N GLU A 128 6.96 -4.45 -15.87
CA GLU A 128 5.87 -5.30 -16.32
C GLU A 128 6.26 -6.77 -16.40
N GLU A 129 7.50 -7.03 -16.78
CA GLU A 129 7.97 -8.40 -16.93
C GLU A 129 8.11 -9.13 -15.61
N PHE A 130 8.01 -8.42 -14.50
CA PHE A 130 8.22 -9.05 -13.19
C PHE A 130 6.98 -8.98 -12.30
N ARG A 131 5.80 -8.91 -12.90
CA ARG A 131 4.59 -8.74 -12.10
C ARG A 131 3.89 -10.06 -11.79
N THR A 132 4.63 -11.15 -11.90
CA THR A 132 4.19 -12.44 -11.37
C THR A 132 5.26 -12.94 -10.40
N TYR A 133 4.89 -13.83 -9.49
CA TYR A 133 5.82 -14.23 -8.45
C TYR A 133 7.02 -14.98 -9.00
N GLU A 134 6.79 -15.99 -9.84
CA GLU A 134 7.89 -16.82 -10.32
C GLU A 134 8.94 -15.97 -11.04
N ALA A 135 8.48 -15.01 -11.84
CA ALA A 135 9.37 -14.11 -12.56
C ALA A 135 10.16 -13.18 -11.64
N LEU A 136 9.48 -12.56 -10.68
CA LEU A 136 10.15 -11.64 -9.74
C LEU A 136 11.12 -12.42 -8.85
N ARG A 137 10.68 -13.57 -8.36
CA ARG A 137 11.51 -14.43 -7.53
C ARG A 137 12.76 -14.90 -8.28
N ARG A 138 12.60 -15.17 -9.58
CA ARG A 138 13.74 -15.63 -10.39
C ARG A 138 14.81 -14.54 -10.54
N GLU A 139 14.38 -13.32 -10.77
CA GLU A 139 15.29 -12.19 -10.87
C GLU A 139 15.97 -11.91 -9.52
N HIS A 140 15.18 -12.03 -8.46
CA HIS A 140 15.68 -11.96 -7.08
C HIS A 140 16.82 -12.96 -6.82
N ASP A 141 16.57 -14.24 -7.12
CA ASP A 141 17.55 -15.28 -6.88
C ASP A 141 18.79 -15.05 -7.74
N SER A 142 18.57 -14.62 -8.97
CA SER A 142 19.66 -14.39 -9.89
C SER A 142 20.58 -13.31 -9.38
N GLN A 143 20.00 -12.23 -8.84
CA GLN A 143 20.80 -11.17 -8.23
C GLN A 143 21.65 -11.72 -7.08
N ILE A 144 21.12 -12.65 -6.31
CA ILE A 144 21.88 -13.22 -5.20
C ILE A 144 23.00 -14.10 -5.76
N VAL A 145 22.73 -14.82 -6.84
CA VAL A 145 23.79 -15.61 -7.47
C VAL A 145 24.87 -14.65 -8.01
N GLN A 146 24.48 -13.51 -8.59
CA GLN A 146 25.48 -12.54 -9.06
C GLN A 146 26.35 -12.07 -7.91
N ILE A 147 25.73 -11.87 -6.75
CA ILE A 147 26.46 -11.42 -5.57
C ILE A 147 27.49 -12.46 -5.14
N ALA A 148 27.07 -13.73 -5.09
CA ALA A 148 27.99 -14.83 -4.81
C ALA A 148 29.17 -14.85 -5.77
N MET A 149 28.90 -14.56 -7.04
CA MET A 149 29.94 -14.56 -8.06
C MET A 149 30.91 -13.41 -7.78
N GLU A 150 30.36 -12.23 -7.52
CA GLU A 150 31.18 -11.08 -7.13
C GLU A 150 32.05 -11.41 -5.93
N ALA A 151 31.45 -12.07 -4.95
CA ALA A 151 32.12 -12.38 -3.69
C ALA A 151 33.10 -13.55 -3.81
N GLY A 152 33.14 -14.17 -4.99
CA GLY A 152 34.04 -15.28 -5.23
C GLY A 152 33.60 -16.57 -4.53
N LEU A 153 32.30 -16.70 -4.27
CA LEU A 153 31.82 -17.89 -3.58
C LEU A 153 31.27 -18.90 -4.57
N ARG A 154 31.85 -20.10 -4.58
CA ARG A 154 31.38 -21.15 -5.49
C ARG A 154 30.32 -22.01 -4.83
N ILE A 155 29.11 -21.97 -5.37
CA ILE A 155 27.98 -22.63 -4.76
C ILE A 155 27.26 -23.48 -5.80
N ALA A 156 27.01 -24.74 -5.47
CA ALA A 156 26.36 -25.67 -6.37
C ALA A 156 24.82 -25.57 -6.24
N PRO A 157 24.08 -26.03 -7.26
CA PRO A 157 22.61 -25.92 -7.24
C PRO A 157 21.94 -26.54 -6.01
N ASP A 158 22.45 -27.66 -5.49
CA ASP A 158 21.82 -28.28 -4.33
C ASP A 158 22.01 -27.39 -3.11
N GLN A 159 23.15 -26.71 -3.03
CA GLN A 159 23.39 -25.76 -1.95
C GLN A 159 22.47 -24.53 -2.10
N TRP A 160 22.37 -24.02 -3.32
CA TRP A 160 21.48 -22.89 -3.60
C TRP A 160 20.06 -23.24 -3.21
N SER A 161 19.65 -24.46 -3.50
CA SER A 161 18.28 -24.86 -3.21
C SER A 161 18.05 -24.78 -1.70
N SER A 162 19.06 -25.19 -0.94
CA SER A 162 19.01 -25.14 0.51
C SER A 162 18.98 -23.69 0.99
N LEU A 163 19.94 -22.91 0.53
CA LEU A 163 20.10 -21.53 0.96
C LEU A 163 18.88 -20.65 0.70
N LEU A 164 18.26 -20.82 -0.46
CA LEU A 164 17.22 -19.89 -0.89
C LEU A 164 15.80 -20.42 -0.66
N TYR A 165 15.64 -21.74 -0.56
CA TYR A 165 14.31 -22.36 -0.48
C TYR A 165 14.14 -23.29 0.71
N GLY A 166 15.26 -23.69 1.30
CA GLY A 166 15.22 -24.61 2.43
C GLY A 166 14.69 -25.98 2.05
N ASP A 167 14.99 -26.37 0.81
CA ASP A 167 14.66 -27.70 0.36
C ASP A 167 15.61 -28.11 -0.76
N GLN A 168 15.45 -29.34 -1.26
CA GLN A 168 16.23 -29.86 -2.36
C GLN A 168 15.39 -29.98 -3.62
N SER A 169 14.36 -29.15 -3.72
CA SER A 169 13.42 -29.22 -4.83
C SER A 169 13.58 -28.09 -5.83
N HIS A 170 14.65 -27.32 -5.72
CA HIS A 170 14.80 -26.16 -6.60
C HIS A 170 16.15 -26.15 -7.31
N LYS A 171 16.69 -27.34 -7.54
CA LYS A 171 18.02 -27.46 -8.11
C LYS A 171 18.07 -27.02 -9.57
N SER A 172 17.08 -27.48 -10.34
CA SER A 172 17.05 -27.15 -11.77
C SER A 172 16.70 -25.68 -11.97
N HIS A 173 15.88 -25.12 -11.08
CA HIS A 173 15.62 -23.68 -11.10
C HIS A 173 16.91 -22.89 -10.93
N MET A 174 17.68 -23.23 -9.89
CA MET A 174 18.96 -22.57 -9.66
C MET A 174 20.00 -22.86 -10.75
N GLN A 175 20.03 -24.10 -11.24
CA GLN A 175 20.96 -24.47 -12.31
C GLN A 175 20.69 -23.63 -13.55
N SER A 176 19.41 -23.38 -13.82
CA SER A 176 19.00 -22.56 -14.96
C SER A 176 19.45 -21.12 -14.81
N ILE A 177 19.37 -20.61 -13.59
CA ILE A 177 19.80 -19.25 -13.32
C ILE A 177 21.30 -19.14 -13.52
N ILE A 178 22.01 -20.17 -13.04
CA ILE A 178 23.46 -20.24 -13.20
C ILE A 178 23.88 -20.29 -14.67
N ASP A 179 23.20 -21.11 -15.47
CA ASP A 179 23.52 -21.24 -16.89
C ASP A 179 23.46 -19.92 -17.63
N LYS A 180 22.47 -19.10 -17.29
CA LYS A 180 22.26 -17.83 -17.96
C LYS A 180 23.33 -16.83 -17.59
N LEU A 181 23.82 -16.92 -16.36
CA LEU A 181 24.86 -16.03 -15.87
C LEU A 181 26.24 -16.48 -16.34
N GLN A 182 26.34 -17.72 -16.82
CA GLN A 182 27.63 -18.25 -17.24
C GLN A 182 27.71 -18.35 -18.75
N THR A 183 27.34 -17.25 -19.42
CA THR A 183 27.56 -17.11 -20.85
C THR A 183 28.96 -16.52 -21.06
N PRO A 184 29.80 -17.18 -21.85
CA PRO A 184 31.14 -16.66 -22.17
C PRO A 184 31.07 -15.33 -22.92
N PRO B 33 -32.61 6.33 15.44
CA PRO B 33 -32.31 7.61 16.10
C PRO B 33 -33.33 8.66 15.68
N GLN B 34 -32.84 9.75 15.09
CA GLN B 34 -33.68 10.79 14.50
C GLN B 34 -33.99 10.37 13.06
N GLN B 35 -35.17 10.71 12.57
CA GLN B 35 -35.52 10.36 11.19
C GLN B 35 -34.45 10.86 10.22
N LEU B 36 -34.03 12.11 10.43
CA LEU B 36 -33.10 12.79 9.54
C LEU B 36 -31.76 12.07 9.33
N SER B 37 -31.26 11.40 10.38
CA SER B 37 -29.98 10.70 10.29
C SER B 37 -30.07 9.53 9.34
N SER B 38 -31.12 8.74 9.49
CA SER B 38 -31.28 7.61 8.60
C SER B 38 -31.52 8.02 7.15
N ASN B 39 -32.08 9.19 6.82
CA ASN B 39 -32.21 9.37 5.36
C ASN B 39 -30.91 9.92 4.83
N LEU B 40 -30.08 10.46 5.73
CA LEU B 40 -28.75 10.93 5.31
C LEU B 40 -27.90 9.76 4.85
N TRP B 41 -27.71 8.76 5.70
CA TRP B 41 -26.83 7.64 5.37
C TRP B 41 -27.38 6.79 4.23
N ALA B 42 -28.70 6.78 4.10
CA ALA B 42 -29.36 6.05 3.01
C ALA B 42 -29.03 6.71 1.66
N ALA B 43 -28.98 8.04 1.66
CA ALA B 43 -28.61 8.79 0.47
C ALA B 43 -27.12 8.62 0.18
N VAL B 44 -26.34 8.64 1.25
CA VAL B 44 -24.90 8.38 1.14
C VAL B 44 -24.65 7.02 0.50
N ARG B 45 -25.28 5.98 1.02
CA ARG B 45 -25.09 4.63 0.52
C ARG B 45 -25.61 4.48 -0.91
N ALA B 46 -26.61 5.28 -1.26
CA ALA B 46 -27.18 5.26 -2.61
C ALA B 46 -26.17 5.79 -3.61
N ARG B 47 -25.20 6.55 -3.11
CA ARG B 47 -24.16 7.15 -3.93
C ARG B 47 -22.89 6.32 -3.89
N GLY B 48 -23.00 5.11 -3.35
CA GLY B 48 -21.88 4.19 -3.28
C GLY B 48 -20.87 4.52 -2.20
N CYS B 49 -21.30 5.32 -1.23
CA CYS B 49 -20.40 5.74 -0.16
C CYS B 49 -20.84 5.21 1.20
N GLN B 50 -19.95 5.33 2.18
CA GLN B 50 -20.28 4.99 3.56
C GLN B 50 -19.58 5.91 4.53
N PHE B 51 -20.20 6.12 5.68
CA PHE B 51 -19.55 6.80 6.79
C PHE B 51 -19.55 5.87 7.99
N LEU B 52 -18.36 5.63 8.55
CA LEU B 52 -18.16 4.54 9.49
C LEU B 52 -18.13 4.97 10.96
N GLY B 53 -18.68 6.15 11.23
CA GLY B 53 -18.66 6.67 12.59
C GLY B 53 -17.42 7.50 12.82
N PRO B 54 -17.49 8.44 13.77
CA PRO B 54 -16.42 9.42 14.05
C PRO B 54 -15.06 8.81 14.36
N ALA B 55 -15.04 7.61 14.95
CA ALA B 55 -13.77 7.00 15.33
C ALA B 55 -13.12 6.30 14.14
N MET B 56 -13.87 5.40 13.52
CA MET B 56 -13.34 4.61 12.41
C MET B 56 -13.00 5.48 11.19
N GLN B 57 -13.86 6.46 10.90
CA GLN B 57 -13.67 7.31 9.73
C GLN B 57 -12.41 8.15 9.83
N GLU B 58 -12.15 8.69 11.01
CA GLU B 58 -10.94 9.48 11.23
C GLU B 58 -9.69 8.66 10.98
N GLU B 59 -9.66 7.45 11.52
CA GLU B 59 -8.49 6.58 11.37
C GLU B 59 -8.37 6.08 9.93
N ALA B 60 -9.50 5.78 9.29
CA ALA B 60 -9.49 5.39 7.88
C ALA B 60 -8.82 6.48 7.05
N LEU B 61 -9.28 7.71 7.25
CA LEU B 61 -8.76 8.86 6.52
C LEU B 61 -7.29 9.11 6.81
N LYS B 62 -6.92 8.98 8.07
CA LYS B 62 -5.52 9.17 8.48
C LYS B 62 -4.63 8.12 7.81
N LEU B 63 -5.20 6.93 7.59
CA LEU B 63 -4.47 5.86 6.95
C LEU B 63 -4.32 6.12 5.44
N VAL B 64 -5.37 6.66 4.83
CA VAL B 64 -5.31 7.09 3.43
C VAL B 64 -4.22 8.14 3.29
N LEU B 65 -4.20 9.10 4.22
CA LEU B 65 -3.15 10.09 4.24
C LEU B 65 -1.78 9.44 4.35
N LEU B 66 -1.67 8.42 5.20
CA LEU B 66 -0.39 7.73 5.40
C LEU B 66 0.15 7.15 4.09
N ALA B 67 -0.72 6.53 3.31
CA ALA B 67 -0.33 5.93 2.03
C ALA B 67 -0.10 6.95 0.92
N LEU B 68 -0.78 8.10 1.00
CA LEU B 68 -0.83 9.01 -0.13
C LEU B 68 -0.20 10.39 0.09
N GLU B 69 0.20 10.71 1.33
CA GLU B 69 0.68 12.06 1.62
C GLU B 69 1.99 12.40 0.92
N ASP B 70 2.78 11.41 0.53
CA ASP B 70 4.03 11.73 -0.13
C ASP B 70 3.91 11.68 -1.65
N GLY B 71 2.67 11.61 -2.13
CA GLY B 71 2.38 11.63 -3.55
C GLY B 71 2.35 10.30 -4.28
N SER B 72 2.38 9.20 -3.53
CA SER B 72 2.31 7.87 -4.12
C SER B 72 1.01 7.68 -4.91
N ALA B 73 1.08 6.96 -6.01
CA ALA B 73 -0.10 6.73 -6.85
C ALA B 73 -0.57 5.29 -6.71
N LEU B 74 -1.65 5.11 -5.97
CA LEU B 74 -2.17 3.77 -5.69
C LEU B 74 -3.46 3.51 -6.45
N SER B 75 -3.63 2.26 -6.87
CA SER B 75 -4.92 1.82 -7.40
C SER B 75 -5.92 1.76 -6.25
N ARG B 76 -7.20 1.68 -6.59
CA ARG B 76 -8.24 1.53 -5.59
C ARG B 76 -7.97 0.27 -4.77
N LYS B 77 -7.62 -0.80 -5.46
CA LYS B 77 -7.30 -2.08 -4.84
C LYS B 77 -6.22 -1.94 -3.77
N VAL B 78 -5.10 -1.35 -4.13
CA VAL B 78 -3.95 -1.27 -3.25
C VAL B 78 -4.22 -0.32 -2.09
N LEU B 79 -4.94 0.77 -2.37
CA LEU B 79 -5.30 1.73 -1.32
C LEU B 79 -6.19 1.07 -0.27
N VAL B 80 -7.20 0.33 -0.74
CA VAL B 80 -8.12 -0.35 0.16
C VAL B 80 -7.38 -1.42 0.97
N LEU B 81 -6.52 -2.19 0.30
CA LEU B 81 -5.69 -3.20 0.98
C LEU B 81 -4.86 -2.57 2.09
N PHE B 82 -4.24 -1.43 1.79
CA PHE B 82 -3.41 -0.74 2.76
C PHE B 82 -4.25 -0.37 3.99
N VAL B 83 -5.44 0.15 3.75
CA VAL B 83 -6.27 0.67 4.84
C VAL B 83 -6.93 -0.45 5.65
N VAL B 84 -7.61 -1.37 4.97
CA VAL B 84 -8.32 -2.48 5.64
C VAL B 84 -7.42 -3.26 6.59
N GLN B 85 -6.24 -3.61 6.11
CA GLN B 85 -5.25 -4.38 6.86
C GLN B 85 -5.03 -3.83 8.27
N ARG B 86 -4.77 -2.54 8.37
CA ARG B 86 -4.51 -1.94 9.66
C ARG B 86 -5.79 -1.59 10.39
N LEU B 87 -6.91 -1.69 9.70
CA LEU B 87 -8.17 -1.25 10.27
C LEU B 87 -8.99 -2.40 10.88
N GLU B 88 -8.95 -3.56 10.25
CA GLU B 88 -9.84 -4.65 10.67
C GLU B 88 -9.63 -5.16 12.11
N PRO B 89 -8.38 -5.19 12.62
CA PRO B 89 -8.23 -5.57 14.03
C PRO B 89 -9.06 -4.68 14.98
N ARG B 90 -8.82 -3.37 14.98
CA ARG B 90 -9.54 -2.48 15.88
C ARG B 90 -10.99 -2.28 15.43
N PHE B 91 -11.29 -2.69 14.20
CA PHE B 91 -12.62 -2.50 13.63
C PHE B 91 -13.04 -3.70 12.78
N PRO B 92 -13.74 -4.68 13.37
CA PRO B 92 -14.11 -5.90 12.65
C PRO B 92 -15.08 -5.63 11.50
N GLN B 93 -15.72 -4.46 11.54
CA GLN B 93 -16.63 -4.04 10.47
C GLN B 93 -15.87 -3.75 9.18
N ALA B 94 -14.59 -3.38 9.32
CA ALA B 94 -13.77 -3.01 8.17
C ALA B 94 -13.60 -4.17 7.19
N SER B 95 -14.17 -4.00 6.00
CA SER B 95 -13.95 -4.95 4.91
C SER B 95 -13.50 -4.19 3.67
N LYS B 96 -13.21 -4.91 2.60
CA LYS B 96 -12.79 -4.25 1.36
C LYS B 96 -13.97 -3.50 0.75
N THR B 97 -15.16 -4.08 0.86
CA THR B 97 -16.39 -3.44 0.41
C THR B 97 -16.61 -2.13 1.17
N SER B 98 -16.59 -2.24 2.49
CA SER B 98 -16.74 -1.10 3.39
C SER B 98 -15.78 0.04 3.07
N ILE B 99 -14.49 -0.24 3.17
CA ILE B 99 -13.45 0.76 2.96
C ILE B 99 -13.45 1.28 1.52
N GLY B 100 -13.85 0.42 0.59
CA GLY B 100 -14.06 0.84 -0.79
C GLY B 100 -15.05 1.98 -0.88
N HIS B 101 -16.06 1.97 -0.01
CA HIS B 101 -17.08 3.02 0.01
C HIS B 101 -16.54 4.32 0.59
N VAL B 102 -15.61 4.21 1.53
CA VAL B 102 -15.00 5.39 2.12
C VAL B 102 -14.11 6.08 1.08
N VAL B 103 -13.33 5.26 0.38
CA VAL B 103 -12.51 5.75 -0.72
C VAL B 103 -13.37 6.45 -1.77
N GLN B 104 -14.50 5.84 -2.11
CA GLN B 104 -15.42 6.41 -3.09
C GLN B 104 -15.94 7.77 -2.65
N LEU B 105 -16.04 7.96 -1.34
CA LEU B 105 -16.46 9.25 -0.79
C LEU B 105 -15.41 10.30 -1.11
N LEU B 106 -14.14 9.95 -0.91
CA LEU B 106 -13.04 10.87 -1.19
C LEU B 106 -12.95 11.16 -2.68
N TYR B 107 -13.23 10.16 -3.49
CA TYR B 107 -13.19 10.28 -4.95
C TYR B 107 -14.24 11.25 -5.46
N ARG B 108 -15.46 11.05 -4.97
CA ARG B 108 -16.58 11.89 -5.35
C ARG B 108 -16.36 13.32 -4.84
N ALA B 109 -15.64 13.47 -3.73
CA ALA B 109 -15.29 14.79 -3.19
C ALA B 109 -14.13 15.45 -3.95
N SER B 110 -13.78 14.89 -5.11
CA SER B 110 -12.69 15.41 -5.96
C SER B 110 -11.36 15.57 -5.22
N CYS B 111 -11.05 14.63 -4.32
CA CYS B 111 -9.81 14.70 -3.55
C CYS B 111 -8.62 14.12 -4.30
N PHE B 112 -8.89 13.36 -5.35
CA PHE B 112 -7.84 12.62 -6.03
C PHE B 112 -7.50 13.18 -7.40
N LYS B 113 -6.21 13.19 -7.72
CA LYS B 113 -5.77 13.27 -9.10
C LYS B 113 -5.74 11.86 -9.67
N VAL B 114 -6.57 11.61 -10.68
CA VAL B 114 -6.72 10.26 -11.22
C VAL B 114 -5.98 10.07 -12.53
N THR B 115 -4.95 9.23 -12.51
CA THR B 115 -4.23 8.86 -13.71
C THR B 115 -4.87 7.63 -14.35
N LYS B 116 -5.57 7.82 -15.45
CA LYS B 116 -6.30 6.72 -16.09
C LYS B 116 -5.37 5.90 -16.99
N ARG B 117 -5.55 4.58 -16.97
CA ARG B 117 -4.77 3.68 -17.82
C ARG B 117 -5.64 3.08 -18.92
N ASP B 118 -5.01 2.47 -19.92
CA ASP B 118 -5.72 1.86 -21.05
C ASP B 118 -6.85 0.94 -20.62
N GLU B 119 -6.64 0.23 -19.52
CA GLU B 119 -7.70 -0.51 -18.84
C GLU B 119 -7.78 -0.04 -17.38
N ASP B 120 -8.97 -0.09 -16.80
CA ASP B 120 -9.38 0.83 -15.72
C ASP B 120 -8.76 0.69 -14.31
N SER B 121 -7.58 0.10 -14.15
CA SER B 121 -6.88 0.26 -12.87
C SER B 121 -6.16 1.60 -12.87
N SER B 122 -6.96 2.66 -12.81
CA SER B 122 -6.44 4.00 -12.68
C SER B 122 -5.70 4.13 -11.36
N LEU B 123 -4.77 5.07 -11.31
CA LEU B 123 -4.02 5.30 -10.08
C LEU B 123 -4.50 6.60 -9.45
N MET B 124 -4.60 6.60 -8.12
CA MET B 124 -5.05 7.79 -7.43
C MET B 124 -3.91 8.45 -6.69
N GLN B 125 -3.77 9.76 -6.89
CA GLN B 125 -2.91 10.55 -6.06
C GLN B 125 -3.74 11.55 -5.27
N LEU B 126 -3.32 11.83 -4.06
CA LEU B 126 -3.96 12.89 -3.30
C LEU B 126 -3.54 14.24 -3.87
N LYS B 127 -4.51 15.07 -4.24
CA LYS B 127 -4.23 16.44 -4.65
C LYS B 127 -3.41 17.13 -3.57
N GLU B 128 -2.41 17.91 -3.98
CA GLU B 128 -1.44 18.51 -3.04
C GLU B 128 -2.11 19.26 -1.89
N GLU B 129 -3.20 19.96 -2.19
CA GLU B 129 -3.90 20.76 -1.19
C GLU B 129 -4.62 19.93 -0.13
N PHE B 130 -4.73 18.62 -0.36
CA PHE B 130 -5.45 17.75 0.56
C PHE B 130 -4.53 16.71 1.21
N ARG B 131 -3.25 17.04 1.33
CA ARG B 131 -2.29 16.10 1.88
C ARG B 131 -2.06 16.35 3.36
N THR B 132 -3.01 17.04 3.99
CA THR B 132 -3.06 17.16 5.45
C THR B 132 -4.39 16.59 5.92
N TYR B 133 -4.46 16.14 7.17
CA TYR B 133 -5.69 15.53 7.66
C TYR B 133 -6.85 16.53 7.68
N GLU B 134 -6.59 17.72 8.20
CA GLU B 134 -7.61 18.76 8.33
C GLU B 134 -8.24 19.09 6.98
N ALA B 135 -7.39 19.40 6.00
CA ALA B 135 -7.85 19.71 4.65
C ALA B 135 -8.62 18.55 4.03
N LEU B 136 -8.09 17.34 4.18
CA LEU B 136 -8.74 16.15 3.65
C LEU B 136 -10.08 15.93 4.35
N ARG B 137 -10.09 16.09 5.67
CA ARG B 137 -11.29 15.88 6.46
C ARG B 137 -12.38 16.87 6.08
N ARG B 138 -11.99 18.11 5.81
CA ARG B 138 -12.92 19.15 5.44
C ARG B 138 -13.66 18.82 4.15
N GLU B 139 -12.93 18.41 3.12
CA GLU B 139 -13.53 18.04 1.83
C GLU B 139 -14.45 16.85 1.98
N HIS B 140 -14.01 15.88 2.77
CA HIS B 140 -14.81 14.71 3.10
C HIS B 140 -16.13 15.14 3.73
N ASP B 141 -16.06 15.93 4.80
CA ASP B 141 -17.26 16.42 5.47
C ASP B 141 -18.15 17.21 4.52
N SER B 142 -17.53 18.15 3.80
CA SER B 142 -18.24 18.98 2.83
C SER B 142 -19.03 18.15 1.82
N GLN B 143 -18.46 17.01 1.45
CA GLN B 143 -19.10 16.16 0.46
C GLN B 143 -20.33 15.44 1.01
N ILE B 144 -20.28 15.05 2.27
CA ILE B 144 -21.44 14.45 2.93
C ILE B 144 -22.57 15.47 3.01
N VAL B 145 -22.19 16.69 3.35
CA VAL B 145 -23.13 17.81 3.39
C VAL B 145 -23.70 18.04 1.99
N GLN B 146 -22.81 17.99 1.00
CA GLN B 146 -23.20 18.13 -0.40
C GLN B 146 -24.22 17.08 -0.82
N ILE B 147 -24.00 15.85 -0.37
CA ILE B 147 -24.89 14.74 -0.67
C ILE B 147 -26.25 14.95 -0.04
N ALA B 148 -26.24 15.48 1.18
CA ALA B 148 -27.47 15.77 1.91
C ALA B 148 -28.37 16.74 1.12
N MET B 149 -27.79 17.87 0.71
CA MET B 149 -28.53 18.89 -0.02
C MET B 149 -29.10 18.36 -1.34
N GLU B 150 -28.33 17.50 -2.02
CA GLU B 150 -28.78 16.90 -3.27
C GLU B 150 -29.95 15.96 -3.04
N ALA B 151 -30.16 15.56 -1.79
CA ALA B 151 -31.27 14.69 -1.43
C ALA B 151 -32.43 15.49 -0.86
N GLY B 152 -32.22 16.79 -0.71
CA GLY B 152 -33.23 17.68 -0.15
C GLY B 152 -33.29 17.59 1.36
N LEU B 153 -32.13 17.38 1.98
CA LEU B 153 -32.06 17.18 3.42
C LEU B 153 -31.36 18.33 4.11
N ARG B 154 -32.13 19.25 4.67
CA ARG B 154 -31.57 20.37 5.41
C ARG B 154 -31.25 19.95 6.84
N ILE B 155 -29.97 20.03 7.20
CA ILE B 155 -29.53 19.62 8.53
C ILE B 155 -28.78 20.76 9.21
N ALA B 156 -29.12 21.01 10.47
CA ALA B 156 -28.49 22.09 11.21
C ALA B 156 -27.05 21.71 11.60
N PRO B 157 -26.16 22.71 11.64
CA PRO B 157 -24.74 22.57 12.00
C PRO B 157 -24.46 21.99 13.39
N ASP B 158 -25.46 21.94 14.26
CA ASP B 158 -25.26 21.35 15.58
C ASP B 158 -25.37 19.83 15.48
N GLN B 159 -26.26 19.36 14.61
CA GLN B 159 -26.42 17.94 14.38
C GLN B 159 -25.30 17.41 13.47
N TRP B 160 -24.77 18.28 12.61
CA TRP B 160 -23.64 17.90 11.76
C TRP B 160 -22.43 17.57 12.61
N SER B 161 -22.15 18.42 13.60
CA SER B 161 -21.09 18.16 14.56
C SER B 161 -21.36 16.83 15.26
N SER B 162 -22.63 16.57 15.54
CA SER B 162 -23.03 15.32 16.17
C SER B 162 -22.83 14.14 15.23
N LEU B 163 -23.34 14.28 14.00
CA LEU B 163 -23.30 13.20 13.02
C LEU B 163 -21.89 12.76 12.66
N LEU B 164 -20.94 13.69 12.66
CA LEU B 164 -19.63 13.42 12.07
C LEU B 164 -18.48 13.45 13.07
N TYR B 165 -18.74 13.87 14.31
CA TYR B 165 -17.66 13.95 15.28
C TYR B 165 -18.04 13.43 16.66
N GLY B 166 -19.31 13.06 16.83
CA GLY B 166 -19.79 12.61 18.12
C GLY B 166 -19.73 13.68 19.19
N ASP B 167 -19.68 14.93 18.76
CA ASP B 167 -19.62 16.05 19.72
C ASP B 167 -20.23 17.35 19.21
N GLN B 168 -20.15 18.40 20.03
CA GLN B 168 -20.50 19.77 19.62
C GLN B 168 -19.35 20.76 19.65
N SER B 169 -18.18 20.33 19.24
CA SER B 169 -17.02 21.19 19.32
C SER B 169 -16.53 21.59 17.93
N HIS B 170 -17.04 20.87 16.93
CA HIS B 170 -16.73 21.15 15.54
C HIS B 170 -17.83 21.98 14.90
N LYS B 171 -18.67 22.61 15.71
CA LYS B 171 -19.78 23.41 15.23
C LYS B 171 -19.30 24.58 14.37
N SER B 172 -18.24 25.24 14.79
CA SER B 172 -17.67 26.33 13.99
C SER B 172 -17.10 25.79 12.69
N HIS B 173 -16.41 24.66 12.78
CA HIS B 173 -15.85 23.98 11.62
C HIS B 173 -16.94 23.59 10.63
N MET B 174 -18.02 23.01 11.12
CA MET B 174 -19.10 22.58 10.25
C MET B 174 -19.88 23.77 9.69
N GLN B 175 -20.00 24.82 10.51
CA GLN B 175 -20.63 26.06 10.04
C GLN B 175 -19.78 26.67 8.94
N SER B 176 -18.47 26.61 9.12
CA SER B 176 -17.52 27.11 8.11
C SER B 176 -17.61 26.34 6.80
N ILE B 177 -18.28 25.19 6.82
CA ILE B 177 -18.46 24.38 5.62
C ILE B 177 -19.74 24.77 4.89
N ILE B 178 -20.83 24.85 5.63
CA ILE B 178 -22.14 25.22 5.10
C ILE B 178 -22.08 26.56 4.37
N ASP B 179 -21.42 27.52 5.02
CA ASP B 179 -21.08 28.81 4.44
C ASP B 179 -20.71 28.73 2.95
N LYS B 180 -19.60 28.05 2.65
CA LYS B 180 -19.02 28.07 1.30
C LYS B 180 -19.83 27.26 0.29
N LEU B 181 -20.85 26.56 0.77
CA LEU B 181 -21.77 25.85 -0.11
C LEU B 181 -23.06 26.67 -0.27
N GLN B 182 -22.96 27.97 0.02
CA GLN B 182 -24.02 28.91 -0.29
C GLN B 182 -23.49 30.00 -1.22
I IOD C . 37.84 9.20 -2.48
I IOD D . 18.30 23.38 -8.70
I IOD E . 13.77 4.39 -4.95
I IOD F . 22.18 -0.56 -6.45
I IOD G . 21.18 -11.38 5.10
I IOD H . 7.83 -1.38 -17.41
I IOD I . 28.08 2.34 -2.15
I IOD J . 13.19 -16.98 10.36
I IOD K . 27.61 8.08 4.44
I IOD L . 4.15 -11.50 -18.41
I IOD M . 17.91 20.02 -19.84
I IOD N . 38.91 10.98 5.44
I IOD O . 30.55 3.92 17.72
I IOD P . -10.34 4.93 -9.36
I IOD Q . -6.29 12.65 -27.00
I IOD R . -5.08 14.69 -19.77
I IOD S . 4.08 21.19 -12.56
I IOD T . -12.99 24.08 -19.71
I IOD U . -18.34 10.21 -8.88
I IOD V . -11.29 -3.11 -3.90
I IOD W . -7.59 -7.30 3.13
#